data_5Z05
#
_entry.id   5Z05
#
_cell.length_a   60.457
_cell.length_b   66.517
_cell.length_c   105.847
_cell.angle_alpha   90.00
_cell.angle_beta   90.00
_cell.angle_gamma   90.00
#
_symmetry.space_group_name_H-M   'P 21 21 21'
#
loop_
_entity.id
_entity.type
_entity.pdbx_description
1 polymer 'Chitinase-3-like protein 1'
2 branched 2-acetamido-2-deoxy-beta-D-glucopyranose-(1-4)-2-acetamido-2-deoxy-beta-D-glucopyranose
3 non-polymer (4S)-2-METHYL-2,4-PENTANEDIOL
4 non-polymer ACETONE
5 water water
#
_entity_poly.entity_id   1
_entity_poly.type   'polypeptide(L)'
_entity_poly.pdbx_seq_one_letter_code
;YKLICYYTSWSQYREGDGSCFPDAIDPFLCTHVIYSFANISNNEIDTWEWNDVTLYDTLNTLKNRNPKLKTLLSVGGWNF
GSQRFSKIASKTQSRRTFIKSVPPFLRTHGFDGLDLAWLYPGWRDKRHLTTLVKEMKAEFVREAQAGTEQLLLSAAVPAG
KIAIDRGYDIAQISRHLDFISLLTYDFHGAWRQTVGHHSPLFRGQEDASSRFSNADYAVSYMLRLGAPANKLVMGIPTFG
KSYTLASSKTDVGAPISGPGIPGQFTKEKGILAYYEICDFLHGATTHRFRDQQVPYATKGNQWVAYDDQESVKNKARYLK
NRQLAGAMVWALDLDDFRGTFCGQNLAFPLTNAIKDVLAGV
;
_entity_poly.pdbx_strand_id   A
#
loop_
_chem_comp.id
_chem_comp.type
_chem_comp.name
_chem_comp.formula
ACN non-polymer ACETONE 'C3 H6 O'
MPD non-polymer (4S)-2-METHYL-2,4-PENTANEDIOL 'C6 H14 O2'
NAG D-saccharide, beta linking 2-acetamido-2-deoxy-beta-D-glucopyranose 'C8 H15 N O6'
#
# COMPACT_ATOMS: atom_id res chain seq x y z
N TYR A 1 17.73 -1.99 3.79
CA TYR A 1 16.35 -1.43 3.73
C TYR A 1 15.45 -2.53 3.21
N LYS A 2 14.20 -2.49 3.65
CA LYS A 2 13.15 -3.32 3.04
C LYS A 2 12.51 -2.48 1.89
N LEU A 3 12.09 -3.17 0.85
CA LEU A 3 11.24 -2.67 -0.23
C LEU A 3 10.03 -3.63 -0.35
N ILE A 4 8.95 -3.21 0.26
CA ILE A 4 7.74 -4.07 0.37
C ILE A 4 6.85 -3.71 -0.80
N CYS A 5 6.50 -4.64 -1.66
CA CYS A 5 5.74 -4.27 -2.83
C CYS A 5 4.45 -5.03 -2.95
N TYR A 6 3.34 -4.44 -3.06
CA TYR A 6 2.06 -5.13 -3.27
C TYR A 6 1.80 -5.47 -4.66
N TYR A 7 1.25 -6.68 -4.86
CA TYR A 7 0.69 -7.21 -6.12
C TYR A 7 -0.81 -7.38 -5.88
N THR A 8 -1.66 -6.94 -6.79
CA THR A 8 -3.11 -7.15 -6.62
C THR A 8 -3.68 -8.13 -7.55
N SER A 9 -4.48 -9.11 -7.05
CA SER A 9 -4.95 -10.22 -7.89
C SER A 9 -5.93 -9.83 -8.89
N TRP A 10 -6.58 -8.67 -8.74
CA TRP A 10 -7.54 -8.26 -9.73
C TRP A 10 -6.94 -7.51 -10.92
N SER A 11 -5.65 -7.24 -10.85
CA SER A 11 -4.96 -6.65 -12.02
C SER A 11 -4.93 -7.50 -13.16
N GLN A 12 -5.10 -8.83 -12.97
CA GLN A 12 -5.17 -9.72 -14.10
C GLN A 12 -6.21 -9.50 -15.15
N TYR A 13 -7.30 -8.87 -14.75
CA TYR A 13 -8.45 -8.68 -15.54
C TYR A 13 -8.44 -7.42 -16.40
N ARG A 14 -7.45 -6.63 -16.21
CA ARG A 14 -7.38 -5.36 -17.04
C ARG A 14 -7.03 -5.68 -18.44
N GLU A 15 -7.64 -4.90 -19.34
CA GLU A 15 -7.56 -5.14 -20.74
C GLU A 15 -6.19 -4.85 -21.32
N GLY A 16 -5.82 -5.64 -22.32
CA GLY A 16 -4.58 -5.41 -23.06
C GLY A 16 -3.40 -5.21 -22.17
N ASP A 17 -2.66 -4.17 -22.40
CA ASP A 17 -1.42 -3.88 -21.65
C ASP A 17 -1.66 -3.71 -20.21
N GLY A 18 -2.80 -3.26 -19.83
CA GLY A 18 -3.01 -3.17 -18.38
C GLY A 18 -2.96 -4.49 -17.55
N SER A 19 -3.12 -5.62 -18.24
CA SER A 19 -3.14 -6.95 -17.65
C SER A 19 -1.78 -7.29 -16.99
N CYS A 20 -1.85 -7.68 -15.68
CA CYS A 20 -0.65 -7.91 -14.78
C CYS A 20 -0.82 -9.30 -14.07
N PHE A 21 0.15 -10.20 -14.57
CA PHE A 21 0.32 -11.56 -13.84
C PHE A 21 1.65 -11.53 -13.03
N PRO A 22 1.77 -12.32 -11.99
CA PRO A 22 2.97 -12.15 -11.16
C PRO A 22 4.23 -12.50 -11.81
N ASP A 23 4.25 -13.28 -12.85
CA ASP A 23 5.51 -13.45 -13.59
C ASP A 23 5.93 -12.05 -14.31
N ALA A 24 5.15 -10.95 -14.28
CA ALA A 24 5.59 -9.65 -14.80
C ALA A 24 6.66 -9.07 -13.74
N ILE A 25 6.80 -9.68 -12.56
CA ILE A 25 7.52 -9.00 -11.47
C ILE A 25 9.00 -9.41 -11.60
N ASP A 26 9.88 -8.40 -11.56
CA ASP A 26 11.31 -8.57 -11.44
C ASP A 26 11.71 -9.18 -10.01
N PRO A 27 12.27 -10.37 -10.03
CA PRO A 27 12.43 -11.07 -8.73
C PRO A 27 13.43 -10.33 -7.81
N PHE A 28 14.28 -9.48 -8.40
CA PHE A 28 15.30 -8.75 -7.57
C PHE A 28 14.85 -7.37 -7.37
N LEU A 29 13.70 -6.89 -7.70
CA LEU A 29 13.24 -5.56 -7.58
C LEU A 29 12.97 -5.28 -6.09
N CYS A 30 12.10 -6.05 -5.48
CA CYS A 30 11.63 -5.84 -4.11
C CYS A 30 12.22 -6.84 -3.19
N THR A 31 12.30 -6.54 -1.86
CA THR A 31 12.70 -7.56 -0.86
C THR A 31 11.50 -8.43 -0.46
N HIS A 32 10.34 -7.92 -0.54
CA HIS A 32 9.16 -8.61 -0.07
C HIS A 32 8.06 -8.33 -1.10
N VAL A 33 7.33 -9.30 -1.60
CA VAL A 33 6.19 -9.08 -2.41
C VAL A 33 4.94 -9.53 -1.68
N ILE A 34 3.91 -8.73 -1.58
CA ILE A 34 2.73 -9.07 -0.82
C ILE A 34 1.60 -9.22 -1.75
N TYR A 35 0.96 -10.37 -1.80
CA TYR A 35 -0.19 -10.66 -2.64
C TYR A 35 -1.49 -10.26 -1.96
N SER A 36 -2.29 -9.45 -2.66
CA SER A 36 -3.51 -8.91 -2.04
C SER A 36 -4.66 -9.29 -2.89
N PHE A 37 -5.82 -9.76 -2.38
CA PHE A 37 -6.08 -10.07 -0.94
C PHE A 37 -6.66 -11.50 -0.87
N ALA A 38 -6.47 -12.07 0.31
CA ALA A 38 -7.12 -13.26 0.76
C ALA A 38 -8.48 -13.03 1.43
N ASN A 39 -9.35 -13.97 1.37
CA ASN A 39 -10.64 -13.91 2.03
C ASN A 39 -10.49 -14.54 3.37
N ILE A 40 -11.56 -14.41 4.20
CA ILE A 40 -11.80 -15.23 5.35
C ILE A 40 -13.10 -15.88 5.22
N SER A 41 -13.21 -17.19 5.17
CA SER A 41 -14.46 -17.87 4.89
C SER A 41 -14.57 -19.07 5.76
N ASN A 42 -15.69 -19.32 6.40
CA ASN A 42 -15.71 -20.38 7.41
C ASN A 42 -14.71 -20.14 8.58
N ASN A 43 -14.51 -18.85 8.84
CA ASN A 43 -13.65 -18.30 9.84
C ASN A 43 -12.20 -18.77 9.66
N GLU A 44 -11.84 -19.11 8.38
CA GLU A 44 -10.44 -19.49 8.00
C GLU A 44 -9.96 -18.65 6.87
N ILE A 45 -8.66 -18.50 6.77
CA ILE A 45 -8.10 -17.85 5.59
C ILE A 45 -8.41 -18.67 4.36
N ASP A 46 -8.60 -17.95 3.21
CA ASP A 46 -9.00 -18.65 2.03
C ASP A 46 -8.69 -17.84 0.78
N THR A 47 -8.78 -18.45 -0.40
CA THR A 47 -8.55 -17.74 -1.61
C THR A 47 -9.72 -16.76 -1.92
N TRP A 48 -9.48 -15.89 -2.86
CA TRP A 48 -10.50 -14.87 -3.27
C TRP A 48 -10.84 -15.12 -4.73
N GLU A 49 -9.84 -14.94 -5.67
CA GLU A 49 -10.11 -15.14 -7.05
C GLU A 49 -10.11 -16.59 -7.39
N TRP A 50 -10.82 -16.96 -8.42
CA TRP A 50 -10.97 -18.32 -8.83
C TRP A 50 -9.63 -19.01 -9.02
N ASN A 51 -8.67 -18.22 -9.55
CA ASN A 51 -7.37 -18.90 -9.95
C ASN A 51 -6.35 -18.54 -8.97
N ASP A 52 -6.60 -18.11 -7.73
CA ASP A 52 -5.57 -17.73 -6.83
C ASP A 52 -4.59 -18.89 -6.55
N VAL A 53 -4.96 -20.13 -6.51
CA VAL A 53 -3.96 -21.16 -6.19
C VAL A 53 -2.91 -21.11 -7.32
N THR A 54 -3.28 -20.91 -8.58
CA THR A 54 -2.25 -20.78 -9.65
C THR A 54 -1.52 -19.53 -9.49
N LEU A 55 -2.08 -18.40 -9.22
CA LEU A 55 -1.34 -17.13 -9.15
C LEU A 55 -0.40 -17.20 -8.00
N TYR A 56 -0.80 -17.71 -6.83
CA TYR A 56 0.15 -17.91 -5.69
C TYR A 56 1.36 -18.74 -6.14
N ASP A 57 1.18 -19.77 -6.89
CA ASP A 57 2.28 -20.63 -7.40
C ASP A 57 3.13 -19.74 -8.33
N THR A 58 2.56 -19.01 -9.25
CA THR A 58 3.36 -18.21 -10.20
C THR A 58 4.12 -17.16 -9.36
N LEU A 59 3.58 -16.52 -8.37
CA LEU A 59 4.38 -15.61 -7.54
C LEU A 59 5.44 -16.34 -6.85
N ASN A 60 5.18 -17.42 -6.18
CA ASN A 60 6.17 -18.09 -5.31
C ASN A 60 7.31 -18.69 -6.13
N THR A 61 7.03 -19.02 -7.40
CA THR A 61 8.05 -19.64 -8.24
C THR A 61 9.07 -18.49 -8.53
N LEU A 62 8.93 -17.23 -8.33
CA LEU A 62 9.87 -16.03 -8.41
C LEU A 62 11.05 -16.43 -7.48
N LYS A 63 10.86 -17.16 -6.43
CA LYS A 63 11.89 -17.53 -5.45
C LYS A 63 12.83 -18.49 -6.04
N ASN A 64 12.56 -19.19 -7.19
CA ASN A 64 13.55 -20.02 -7.72
C ASN A 64 14.62 -19.12 -8.33
N ARG A 65 14.33 -17.89 -8.77
CA ARG A 65 15.27 -17.01 -9.41
C ARG A 65 15.96 -16.18 -8.32
N ASN A 66 15.22 -15.73 -7.28
CA ASN A 66 15.79 -14.92 -6.13
C ASN A 66 15.42 -15.70 -4.80
N PRO A 67 16.19 -16.66 -4.37
CA PRO A 67 15.81 -17.43 -3.18
C PRO A 67 15.68 -16.58 -1.95
N LYS A 68 16.22 -15.39 -1.93
CA LYS A 68 16.11 -14.53 -0.79
C LYS A 68 14.80 -13.77 -0.78
N LEU A 69 14.04 -13.65 -1.87
CA LEU A 69 12.80 -12.91 -1.92
C LEU A 69 11.84 -13.55 -0.88
N LYS A 70 11.15 -12.67 -0.20
CA LYS A 70 10.08 -13.10 0.72
C LYS A 70 8.73 -12.75 0.20
N THR A 71 7.75 -13.60 0.37
CA THR A 71 6.39 -13.32 -0.04
C THR A 71 5.45 -13.38 1.10
N LEU A 72 4.44 -12.54 1.13
CA LEU A 72 3.40 -12.55 2.14
C LEU A 72 2.07 -12.53 1.43
N LEU A 73 1.04 -13.04 2.16
CA LEU A 73 -0.35 -12.99 1.73
C LEU A 73 -1.10 -12.03 2.61
N SER A 74 -1.74 -11.03 1.97
CA SER A 74 -2.48 -10.00 2.74
C SER A 74 -3.95 -10.42 2.79
N VAL A 75 -4.45 -10.44 4.05
CA VAL A 75 -5.83 -10.78 4.30
C VAL A 75 -6.62 -9.54 4.71
N GLY A 76 -7.78 -9.43 4.06
CA GLY A 76 -8.63 -8.32 4.31
C GLY A 76 -8.84 -7.55 3.03
N GLY A 77 -8.45 -6.32 3.11
CA GLY A 77 -8.73 -5.32 2.07
C GLY A 77 -10.05 -4.59 2.18
N TRP A 78 -10.33 -3.71 1.22
CA TRP A 78 -11.56 -2.89 1.33
C TRP A 78 -12.85 -3.58 0.84
N ASN A 79 -12.79 -4.63 0.00
CA ASN A 79 -13.92 -5.40 -0.30
C ASN A 79 -14.34 -6.42 0.79
N PHE A 80 -13.49 -6.69 1.78
CA PHE A 80 -13.77 -7.33 2.99
C PHE A 80 -14.34 -6.31 3.96
N GLY A 81 -15.60 -6.49 4.35
CA GLY A 81 -16.42 -5.53 5.33
C GLY A 81 -15.57 -5.34 6.62
N SER A 82 -15.02 -4.13 7.09
CA SER A 82 -14.41 -4.08 8.49
C SER A 82 -15.26 -4.94 9.44
N GLN A 83 -16.62 -4.93 9.29
CA GLN A 83 -17.54 -5.58 10.26
C GLN A 83 -17.28 -7.10 10.23
N ARG A 84 -16.99 -7.59 9.08
CA ARG A 84 -16.66 -9.02 8.95
C ARG A 84 -15.42 -9.41 9.67
N PHE A 85 -14.37 -8.65 9.70
CA PHE A 85 -13.16 -8.83 10.34
C PHE A 85 -13.36 -8.65 11.92
N SER A 86 -14.16 -7.61 12.24
CA SER A 86 -14.52 -7.36 13.62
C SER A 86 -15.15 -8.58 14.26
N LYS A 87 -16.08 -9.28 13.57
CA LYS A 87 -16.75 -10.38 14.16
C LYS A 87 -15.79 -11.51 14.41
N ILE A 88 -14.91 -11.72 13.45
CA ILE A 88 -13.90 -12.80 13.72
C ILE A 88 -12.91 -12.53 14.82
N ALA A 89 -12.42 -11.30 14.89
CA ALA A 89 -11.48 -10.95 15.93
C ALA A 89 -11.95 -10.78 17.24
N SER A 90 -13.23 -10.45 17.45
CA SER A 90 -13.73 -10.09 18.76
C SER A 90 -14.23 -11.25 19.65
N LYS A 91 -14.31 -12.48 19.05
CA LYS A 91 -14.71 -13.60 19.77
C LYS A 91 -13.62 -14.63 19.94
N THR A 92 -13.36 -15.17 21.08
CA THR A 92 -12.27 -16.11 21.31
C THR A 92 -12.33 -17.29 20.30
N GLN A 93 -13.50 -17.85 20.02
CA GLN A 93 -13.55 -19.09 19.25
C GLN A 93 -13.31 -18.84 17.80
N SER A 94 -13.84 -17.79 17.18
CA SER A 94 -13.59 -17.47 15.81
C SER A 94 -12.22 -17.02 15.62
N ARG A 95 -11.64 -16.24 16.54
CA ARG A 95 -10.28 -15.75 16.45
C ARG A 95 -9.38 -16.97 16.34
N ARG A 96 -9.57 -17.93 17.20
CA ARG A 96 -8.70 -19.11 17.24
C ARG A 96 -8.83 -19.90 15.98
N THR A 97 -10.00 -20.14 15.47
CA THR A 97 -10.19 -20.85 14.23
C THR A 97 -9.46 -20.17 13.17
N PHE A 98 -9.49 -18.85 13.00
CA PHE A 98 -8.77 -18.14 11.98
C PHE A 98 -7.32 -18.29 12.19
N ILE A 99 -6.78 -18.01 13.35
CA ILE A 99 -5.37 -18.05 13.55
C ILE A 99 -4.84 -19.47 13.24
N LYS A 100 -5.49 -20.48 13.75
CA LYS A 100 -4.99 -21.87 13.49
C LYS A 100 -5.00 -22.15 12.05
N SER A 101 -5.84 -21.60 11.20
CA SER A 101 -5.92 -21.86 9.80
C SER A 101 -4.76 -21.25 9.06
N VAL A 102 -4.10 -20.27 9.54
CA VAL A 102 -3.22 -19.43 8.72
C VAL A 102 -1.92 -20.16 8.41
N PRO A 103 -1.19 -20.71 9.38
CA PRO A 103 0.14 -21.30 8.98
C PRO A 103 -0.01 -22.38 7.98
N PRO A 104 -0.94 -23.35 8.10
CA PRO A 104 -0.98 -24.40 7.10
C PRO A 104 -1.29 -23.92 5.70
N PHE A 105 -2.14 -22.90 5.59
CA PHE A 105 -2.51 -22.33 4.24
C PHE A 105 -1.28 -21.63 3.70
N LEU A 106 -0.60 -20.87 4.52
CA LEU A 106 0.62 -20.19 3.97
C LEU A 106 1.63 -21.22 3.55
N ARG A 107 1.84 -22.26 4.34
CA ARG A 107 2.85 -23.26 3.91
C ARG A 107 2.49 -24.00 2.66
N THR A 108 1.24 -24.39 2.52
CA THR A 108 0.80 -25.12 1.34
C THR A 108 1.04 -24.29 0.09
N HIS A 109 0.85 -22.98 0.15
CA HIS A 109 0.91 -22.08 -0.95
C HIS A 109 2.25 -21.43 -1.09
N GLY A 110 3.20 -21.67 -0.21
CA GLY A 110 4.58 -21.15 -0.39
C GLY A 110 4.79 -19.80 0.07
N PHE A 111 3.96 -19.21 0.90
CA PHE A 111 4.19 -17.92 1.44
C PHE A 111 5.07 -17.86 2.66
N ASP A 112 5.80 -16.78 2.86
CA ASP A 112 6.67 -16.61 4.02
C ASP A 112 6.00 -15.87 5.17
N GLY A 113 4.78 -15.37 5.00
CA GLY A 113 4.15 -14.59 6.09
C GLY A 113 2.78 -14.20 5.68
N LEU A 114 2.15 -13.54 6.69
CA LEU A 114 0.81 -12.95 6.57
C LEU A 114 0.90 -11.45 6.82
N ASP A 115 0.21 -10.71 5.96
CA ASP A 115 -0.02 -9.27 6.17
C ASP A 115 -1.49 -9.08 6.57
N LEU A 116 -1.68 -8.42 7.68
CA LEU A 116 -3.01 -8.06 8.12
C LEU A 116 -3.48 -6.76 7.54
N ALA A 117 -4.51 -6.79 6.72
CA ALA A 117 -5.04 -5.55 6.11
C ALA A 117 -6.48 -5.36 6.47
N TRP A 118 -6.72 -5.24 7.77
CA TRP A 118 -8.11 -4.89 8.23
C TRP A 118 -8.38 -3.37 7.92
N LEU A 119 -9.23 -3.06 7.06
CA LEU A 119 -9.46 -1.73 6.58
C LEU A 119 -10.84 -1.34 6.94
N TYR A 120 -11.15 -0.83 8.15
CA TYR A 120 -10.22 -0.53 9.18
C TYR A 120 -10.98 -0.77 10.51
N PRO A 121 -10.27 -0.96 11.60
CA PRO A 121 -10.93 -1.23 12.91
C PRO A 121 -11.57 0.03 13.46
N GLY A 122 -12.73 -0.14 14.03
CA GLY A 122 -13.46 0.87 14.73
C GLY A 122 -13.00 0.98 16.12
N TRP A 123 -13.53 1.99 16.86
CA TRP A 123 -13.16 2.18 18.16
C TRP A 123 -13.31 1.00 19.07
N ARG A 124 -14.40 0.18 18.78
CA ARG A 124 -14.60 -0.98 19.65
C ARG A 124 -13.67 -2.09 19.32
N ASP A 125 -13.03 -1.99 18.20
CA ASP A 125 -12.17 -3.06 17.65
C ASP A 125 -10.76 -3.01 18.12
N LYS A 126 -10.33 -1.79 18.59
CA LYS A 126 -8.87 -1.61 18.82
C LYS A 126 -8.32 -2.67 19.76
N ARG A 127 -9.00 -3.06 20.78
CA ARG A 127 -8.47 -4.02 21.75
C ARG A 127 -8.41 -5.39 21.10
N HIS A 128 -9.34 -5.66 20.22
CA HIS A 128 -9.35 -6.95 19.55
C HIS A 128 -8.26 -7.11 18.47
N LEU A 129 -7.97 -6.03 17.75
CA LEU A 129 -6.83 -6.04 16.88
C LEU A 129 -5.57 -6.38 17.71
N THR A 130 -5.42 -5.77 18.82
CA THR A 130 -4.27 -6.07 19.68
C THR A 130 -4.18 -7.54 19.96
N THR A 131 -5.27 -8.12 20.40
CA THR A 131 -5.27 -9.55 20.73
C THR A 131 -5.00 -10.35 19.48
N LEU A 132 -5.61 -10.05 18.40
CA LEU A 132 -5.40 -10.79 17.17
C LEU A 132 -3.94 -10.79 16.75
N VAL A 133 -3.29 -9.64 16.77
CA VAL A 133 -1.83 -9.58 16.44
C VAL A 133 -1.05 -10.39 17.41
N LYS A 134 -1.26 -10.25 18.67
CA LYS A 134 -0.49 -10.99 19.69
C LYS A 134 -0.62 -12.49 19.47
N GLU A 135 -1.85 -12.98 19.33
CA GLU A 135 -2.11 -14.38 19.29
C GLU A 135 -1.66 -14.90 17.95
N MET A 136 -1.82 -14.16 16.87
CA MET A 136 -1.26 -14.64 15.56
C MET A 136 0.24 -14.81 15.62
N LYS A 137 0.89 -13.87 16.22
CA LYS A 137 2.36 -13.96 16.37
C LYS A 137 2.73 -15.17 17.21
N ALA A 138 2.02 -15.41 18.30
CA ALA A 138 2.31 -16.55 19.17
C ALA A 138 2.14 -17.81 18.42
N GLU A 139 1.17 -17.95 17.52
CA GLU A 139 0.96 -19.13 16.75
C GLU A 139 2.10 -19.30 15.77
N PHE A 140 2.60 -18.23 15.21
CA PHE A 140 3.73 -18.37 14.29
C PHE A 140 5.00 -18.75 15.03
N VAL A 141 5.15 -18.24 16.24
CA VAL A 141 6.34 -18.72 17.09
C VAL A 141 6.21 -20.19 17.34
N ARG A 142 5.04 -20.75 17.68
CA ARG A 142 4.82 -22.20 17.90
C ARG A 142 5.06 -22.99 16.62
N GLU A 143 4.60 -22.45 15.51
CA GLU A 143 4.72 -23.29 14.25
C GLU A 143 6.20 -23.41 13.79
N ALA A 144 6.98 -22.42 14.10
CA ALA A 144 8.44 -22.38 13.78
C ALA A 144 9.09 -23.52 14.46
N GLN A 145 8.56 -24.07 15.54
CA GLN A 145 9.20 -25.15 16.29
C GLN A 145 9.37 -26.43 15.49
N ALA A 146 8.55 -26.59 14.43
CA ALA A 146 8.58 -27.74 13.56
C ALA A 146 9.70 -27.63 12.46
N GLY A 147 10.51 -26.61 12.54
CA GLY A 147 11.78 -26.57 11.77
C GLY A 147 11.82 -25.70 10.63
N THR A 148 10.76 -25.09 10.21
CA THR A 148 10.79 -24.11 9.08
C THR A 148 10.98 -22.71 9.59
N GLU A 149 11.62 -21.83 8.88
CA GLU A 149 11.82 -20.46 9.23
C GLU A 149 10.49 -19.80 9.58
N GLN A 150 10.50 -19.11 10.69
CA GLN A 150 9.28 -18.57 11.26
C GLN A 150 8.56 -17.67 10.26
N LEU A 151 7.25 -17.82 10.21
CA LEU A 151 6.38 -16.89 9.38
C LEU A 151 6.49 -15.53 9.83
N LEU A 152 6.50 -14.59 8.85
CA LEU A 152 6.47 -13.19 9.14
C LEU A 152 5.04 -12.70 9.38
N LEU A 153 4.92 -11.63 10.16
CA LEU A 153 3.61 -11.02 10.40
C LEU A 153 3.75 -9.51 10.26
N SER A 154 3.02 -8.96 9.33
CA SER A 154 2.93 -7.51 9.09
C SER A 154 1.59 -6.99 9.17
N ALA A 155 1.43 -5.68 9.19
CA ALA A 155 0.11 -5.04 9.06
C ALA A 155 0.15 -3.80 8.25
N ALA A 156 -0.88 -3.50 7.54
CA ALA A 156 -1.07 -2.25 6.81
C ALA A 156 -1.88 -1.35 7.68
N VAL A 157 -1.39 -0.12 8.03
CA VAL A 157 -1.98 0.82 8.97
C VAL A 157 -2.23 2.11 8.26
N PRO A 158 -3.40 2.67 8.32
CA PRO A 158 -3.74 3.93 7.75
C PRO A 158 -2.92 5.01 8.40
N ALA A 159 -2.71 6.09 7.61
CA ALA A 159 -1.85 7.16 8.02
C ALA A 159 -2.54 8.35 8.55
N GLY A 160 -3.87 8.45 8.57
CA GLY A 160 -4.63 9.54 9.16
C GLY A 160 -4.69 9.41 10.64
N LYS A 161 -4.36 10.49 11.35
CA LYS A 161 -4.37 10.46 12.79
C LYS A 161 -5.69 9.92 13.38
N ILE A 162 -6.76 10.36 12.84
CA ILE A 162 -8.08 9.97 13.40
C ILE A 162 -8.25 8.42 13.30
N ALA A 163 -7.89 7.85 12.19
CA ALA A 163 -8.03 6.36 12.02
C ALA A 163 -7.05 5.63 12.89
N ILE A 164 -5.81 6.15 13.07
CA ILE A 164 -4.84 5.55 13.94
C ILE A 164 -5.37 5.52 15.35
N ASP A 165 -5.77 6.68 15.82
CA ASP A 165 -6.26 6.84 17.18
C ASP A 165 -7.46 5.92 17.47
N ARG A 166 -8.37 5.86 16.49
CA ARG A 166 -9.65 5.02 16.67
C ARG A 166 -9.28 3.57 16.78
N GLY A 167 -8.42 3.07 15.94
CA GLY A 167 -8.40 1.66 15.70
C GLY A 167 -7.20 0.84 16.22
N TYR A 168 -6.05 1.53 16.57
CA TYR A 168 -4.79 0.90 16.65
C TYR A 168 -4.10 1.18 17.91
N ASP A 169 -3.64 0.20 18.61
CA ASP A 169 -2.76 0.40 19.78
C ASP A 169 -1.32 0.12 19.32
N ILE A 170 -0.76 1.22 18.76
CA ILE A 170 0.49 1.10 18.02
C ILE A 170 1.66 0.60 18.95
N ALA A 171 1.73 1.07 20.13
CA ALA A 171 2.77 0.62 21.03
C ALA A 171 2.69 -0.87 21.22
N GLN A 172 1.49 -1.44 21.38
CA GLN A 172 1.43 -2.88 21.55
C GLN A 172 1.59 -3.69 20.34
N ILE A 173 0.91 -3.31 19.23
CA ILE A 173 0.95 -4.16 18.08
C ILE A 173 2.41 -4.23 17.44
N SER A 174 3.11 -3.10 17.67
CA SER A 174 4.47 -2.98 17.10
C SER A 174 5.36 -3.99 17.78
N ARG A 175 5.10 -4.45 18.98
CA ARG A 175 5.92 -5.37 19.65
C ARG A 175 5.96 -6.68 18.91
N HIS A 176 4.85 -7.08 18.30
CA HIS A 176 4.71 -8.42 17.77
C HIS A 176 4.84 -8.49 16.29
N LEU A 177 4.62 -7.35 15.60
CA LEU A 177 4.78 -7.32 14.12
C LEU A 177 6.17 -7.27 13.64
N ASP A 178 6.52 -7.86 12.53
CA ASP A 178 7.81 -7.75 11.94
C ASP A 178 7.99 -6.41 11.22
N PHE A 179 6.93 -5.85 10.67
CA PHE A 179 6.94 -4.53 10.10
C PHE A 179 5.52 -4.02 10.01
N ILE A 180 5.33 -2.71 9.99
CA ILE A 180 4.11 -1.97 9.79
C ILE A 180 4.26 -1.18 8.52
N SER A 181 3.35 -1.37 7.53
CA SER A 181 3.37 -0.49 6.30
C SER A 181 2.39 0.60 6.57
N LEU A 182 2.89 1.83 6.61
CA LEU A 182 2.06 3.00 6.84
C LEU A 182 1.49 3.55 5.55
N LEU A 183 0.22 3.65 5.43
CA LEU A 183 -0.46 3.95 4.15
C LEU A 183 -0.54 5.43 3.78
N THR A 184 0.68 6.04 3.66
CA THR A 184 0.90 7.48 3.53
C THR A 184 0.54 8.02 2.13
N TYR A 185 -0.65 7.76 1.72
CA TYR A 185 -1.08 8.17 0.37
C TYR A 185 -2.55 8.28 0.23
N ASP A 186 -3.28 8.54 1.37
CA ASP A 186 -4.76 8.71 1.36
C ASP A 186 -5.13 9.96 2.08
N PHE A 187 -4.39 11.01 1.91
CA PHE A 187 -4.60 12.27 2.65
C PHE A 187 -5.57 13.23 2.00
N HIS A 188 -6.11 12.92 0.81
CA HIS A 188 -7.06 13.77 0.05
C HIS A 188 -7.86 12.86 -0.81
N GLY A 189 -9.08 13.29 -1.12
CA GLY A 189 -9.97 12.50 -2.02
C GLY A 189 -11.10 13.34 -2.39
N ALA A 190 -11.94 12.84 -3.29
CA ALA A 190 -13.02 13.63 -3.77
C ALA A 190 -14.06 14.13 -2.74
N TRP A 191 -14.06 13.40 -1.63
CA TRP A 191 -14.93 13.83 -0.47
C TRP A 191 -14.67 15.27 -0.08
N ARG A 192 -13.53 15.84 -0.42
CA ARG A 192 -13.17 17.14 -0.10
C ARG A 192 -13.86 18.02 -1.15
N GLN A 193 -13.95 19.23 -1.07
CA GLN A 193 -14.63 19.62 -2.42
C GLN A 193 -13.74 20.47 -3.28
N THR A 194 -12.44 20.06 -3.21
CA THR A 194 -11.44 20.82 -3.89
C THR A 194 -10.38 19.80 -4.38
N VAL A 195 -9.53 20.33 -5.26
CA VAL A 195 -8.31 19.60 -5.64
C VAL A 195 -7.40 19.47 -4.39
N GLY A 196 -6.44 18.67 -4.41
CA GLY A 196 -5.46 18.53 -3.34
C GLY A 196 -4.62 17.31 -3.57
N HIS A 197 -3.55 17.16 -2.83
CA HIS A 197 -2.66 16.03 -2.97
C HIS A 197 -2.88 15.02 -1.88
N HIS A 198 -2.93 13.75 -2.22
CA HIS A 198 -3.12 12.64 -1.33
C HIS A 198 -1.90 12.09 -0.72
N SER A 199 -0.69 12.39 -1.24
CA SER A 199 0.52 11.86 -0.73
C SER A 199 1.60 12.88 -0.53
N PRO A 200 1.25 14.11 -0.03
CA PRO A 200 2.32 15.07 0.25
C PRO A 200 3.27 14.67 1.36
N LEU A 201 4.53 15.04 1.21
CA LEU A 201 5.47 14.71 2.32
C LEU A 201 5.26 15.64 3.51
N PHE A 202 5.07 16.90 3.18
CA PHE A 202 4.85 17.99 4.21
C PHE A 202 3.63 18.78 3.96
N ARG A 203 3.18 19.60 4.99
CA ARG A 203 1.98 20.43 4.74
C ARG A 203 2.24 21.50 3.70
N GLY A 204 1.17 21.89 2.98
CA GLY A 204 1.11 23.07 2.19
C GLY A 204 1.09 24.32 3.13
N GLN A 205 1.66 25.35 2.66
CA GLN A 205 1.63 26.48 3.57
C GLN A 205 0.46 27.40 3.21
N GLU A 206 -0.07 27.22 2.00
CA GLU A 206 -0.24 28.42 1.11
C GLU A 206 -1.49 28.39 0.16
N ASP A 207 -2.60 29.09 0.55
CA ASP A 207 -2.93 29.45 2.01
C ASP A 207 -4.02 28.51 2.73
N ALA A 208 -3.99 27.22 2.40
CA ALA A 208 -4.95 26.37 3.07
C ALA A 208 -4.65 24.88 3.00
N SER A 209 -4.20 24.34 4.16
CA SER A 209 -3.79 22.91 4.34
C SER A 209 -3.61 22.54 5.85
N SER A 210 -4.39 21.56 6.35
CA SER A 210 -4.40 21.05 7.76
C SER A 210 -3.18 20.25 8.11
N ARG A 211 -2.60 20.44 9.29
CA ARG A 211 -1.31 19.88 9.66
C ARG A 211 -1.09 18.39 9.83
N PHE A 212 -2.15 17.64 9.84
CA PHE A 212 -2.00 16.19 10.00
C PHE A 212 -1.92 15.46 8.65
N SER A 213 -2.36 16.07 7.56
CA SER A 213 -2.70 15.30 6.37
C SER A 213 -1.47 15.27 5.44
N ASN A 214 -0.37 14.68 5.99
CA ASN A 214 0.90 14.57 5.23
C ASN A 214 1.71 13.48 5.78
N ALA A 215 2.68 12.94 5.01
CA ALA A 215 3.42 11.83 5.46
C ALA A 215 4.34 12.03 6.58
N ASP A 216 4.98 13.21 6.64
CA ASP A 216 5.83 13.50 7.75
C ASP A 216 5.03 13.52 9.05
N TYR A 217 3.85 14.11 9.06
CA TYR A 217 3.09 14.11 10.35
C TYR A 217 2.86 12.64 10.73
N ALA A 218 2.37 11.80 9.82
CA ALA A 218 2.03 10.43 10.16
C ALA A 218 3.19 9.59 10.61
N VAL A 219 4.37 9.77 9.97
CA VAL A 219 5.59 9.09 10.40
C VAL A 219 5.95 9.51 11.76
N SER A 220 6.06 10.81 12.00
CA SER A 220 6.40 11.33 13.33
C SER A 220 5.40 10.84 14.40
N TYR A 221 4.09 10.80 14.06
CA TYR A 221 3.15 10.36 15.02
C TYR A 221 3.30 8.96 15.35
N MET A 222 3.48 8.07 14.36
CA MET A 222 3.74 6.66 14.63
C MET A 222 4.97 6.37 15.50
N LEU A 223 6.04 7.14 15.18
CA LEU A 223 7.19 6.97 16.03
C LEU A 223 6.90 7.42 17.41
N ARG A 224 6.20 8.55 17.61
CA ARG A 224 5.83 9.08 18.96
C ARG A 224 4.89 8.17 19.77
N LEU A 225 4.09 7.43 19.01
CA LEU A 225 3.20 6.45 19.66
C LEU A 225 3.95 5.21 19.99
N GLY A 226 5.21 4.97 19.62
CA GLY A 226 5.94 3.76 19.93
C GLY A 226 6.26 2.82 18.97
N ALA A 227 5.97 3.08 17.68
CA ALA A 227 6.38 2.24 16.65
C ALA A 227 7.92 2.39 16.36
N PRO A 228 8.71 1.39 16.62
CA PRO A 228 10.19 1.61 16.43
C PRO A 228 10.42 1.87 14.95
N ALA A 229 11.40 2.78 14.73
CA ALA A 229 11.74 3.13 13.36
C ALA A 229 12.12 1.89 12.58
N ASN A 230 12.78 0.95 13.26
CA ASN A 230 13.18 -0.29 12.52
C ASN A 230 12.11 -1.32 12.17
N LYS A 231 10.87 -0.93 12.49
CA LYS A 231 9.68 -1.65 12.07
C LYS A 231 8.80 -0.82 11.19
N LEU A 232 9.02 0.45 10.98
CA LEU A 232 8.12 1.30 10.25
C LEU A 232 8.52 1.39 8.82
N VAL A 233 7.61 1.10 7.88
CA VAL A 233 7.85 1.14 6.45
C VAL A 233 6.92 2.17 5.90
N MET A 234 7.47 3.16 5.15
CA MET A 234 6.63 4.26 4.62
C MET A 234 6.04 3.95 3.25
N GLY A 235 4.78 4.07 3.14
CA GLY A 235 4.07 3.80 1.88
C GLY A 235 4.26 4.92 0.88
N ILE A 236 4.47 4.44 -0.32
CA ILE A 236 4.66 5.35 -1.52
C ILE A 236 3.78 4.79 -2.62
N PRO A 237 2.89 5.60 -3.16
CA PRO A 237 1.99 5.14 -4.21
C PRO A 237 2.61 5.21 -5.58
N THR A 238 2.16 4.26 -6.42
CA THR A 238 2.47 4.38 -7.88
C THR A 238 1.29 4.86 -8.63
N PHE A 239 0.12 4.89 -8.14
CA PHE A 239 -1.09 5.48 -8.68
C PHE A 239 -1.17 6.98 -8.38
N GLY A 240 -2.02 7.63 -9.08
CA GLY A 240 -2.42 8.98 -8.73
C GLY A 240 -3.90 9.06 -8.64
N LYS A 241 -4.36 10.24 -8.10
CA LYS A 241 -5.74 10.50 -7.95
C LYS A 241 -6.19 11.58 -8.86
N SER A 242 -7.36 11.41 -9.50
CA SER A 242 -7.91 12.31 -10.43
C SER A 242 -9.20 13.02 -10.01
N TYR A 243 -9.41 14.17 -10.48
CA TYR A 243 -10.57 14.98 -10.18
C TYR A 243 -11.13 15.60 -11.38
N THR A 244 -12.43 15.86 -11.42
CA THR A 244 -13.01 16.65 -12.42
C THR A 244 -13.17 18.13 -11.87
N LEU A 245 -12.60 19.06 -12.52
CA LEU A 245 -12.69 20.44 -12.17
C LEU A 245 -14.10 20.97 -12.34
N ALA A 246 -14.51 21.83 -11.37
CA ALA A 246 -15.71 22.60 -11.50
C ALA A 246 -15.58 23.97 -12.10
N SER A 247 -14.41 24.47 -12.38
CA SER A 247 -14.12 25.78 -12.95
C SER A 247 -12.84 25.75 -13.70
N SER A 248 -12.46 26.88 -14.29
CA SER A 248 -11.16 26.97 -14.86
C SER A 248 -9.99 26.99 -13.88
N LYS A 249 -10.24 27.21 -12.56
CA LYS A 249 -9.16 27.30 -11.61
C LYS A 249 -8.52 25.84 -11.50
N THR A 250 -7.21 25.85 -11.39
CA THR A 250 -6.44 24.59 -11.19
C THR A 250 -5.47 24.68 -10.03
N ASP A 251 -5.42 25.80 -9.27
CA ASP A 251 -4.44 25.81 -8.21
C ASP A 251 -5.04 25.45 -6.93
N VAL A 252 -4.26 25.70 -5.89
CA VAL A 252 -4.73 25.48 -4.56
C VAL A 252 -6.16 25.92 -4.28
N GLY A 253 -6.88 25.01 -3.60
CA GLY A 253 -8.31 25.11 -3.32
C GLY A 253 -9.24 25.16 -4.52
N ALA A 254 -8.77 24.78 -5.73
CA ALA A 254 -9.66 24.82 -6.93
C ALA A 254 -10.88 23.87 -6.66
N PRO A 255 -12.12 24.31 -6.99
CA PRO A 255 -13.25 23.45 -6.75
C PRO A 255 -13.28 22.27 -7.82
N ILE A 256 -13.90 21.21 -7.38
CA ILE A 256 -14.07 19.96 -8.14
C ILE A 256 -15.51 19.56 -8.10
N SER A 257 -15.99 18.97 -9.15
CA SER A 257 -17.32 18.42 -9.19
C SER A 257 -17.39 16.95 -8.78
N GLY A 258 -16.29 16.18 -8.74
CA GLY A 258 -16.23 14.85 -8.40
C GLY A 258 -14.86 14.23 -8.86
N PRO A 259 -14.77 12.96 -8.77
CA PRO A 259 -13.58 12.22 -9.22
C PRO A 259 -13.44 12.50 -10.74
N GLY A 260 -12.19 12.25 -11.07
CA GLY A 260 -11.84 12.29 -12.58
C GLY A 260 -12.42 11.06 -13.33
N ILE A 261 -12.38 11.24 -14.62
CA ILE A 261 -12.88 10.19 -15.54
C ILE A 261 -11.93 9.02 -15.42
N PRO A 262 -12.50 7.78 -15.61
CA PRO A 262 -11.69 6.61 -15.44
C PRO A 262 -10.54 6.59 -16.46
N GLY A 263 -9.55 5.86 -16.04
CA GLY A 263 -8.41 5.51 -16.96
C GLY A 263 -8.85 4.43 -17.95
N GLN A 264 -8.25 4.49 -19.13
CA GLN A 264 -8.51 3.49 -20.12
C GLN A 264 -8.30 2.06 -19.68
N PHE A 265 -7.32 1.81 -18.92
CA PHE A 265 -7.03 0.47 -18.43
C PHE A 265 -7.51 0.12 -17.09
N THR A 266 -7.38 1.04 -16.11
CA THR A 266 -7.78 0.74 -14.72
C THR A 266 -9.29 0.90 -14.55
N LYS A 267 -9.95 1.67 -15.29
CA LYS A 267 -11.38 1.75 -15.34
C LYS A 267 -12.07 2.00 -14.00
N GLU A 268 -11.50 2.94 -13.22
CA GLU A 268 -12.08 3.34 -11.91
C GLU A 268 -12.03 4.83 -11.83
N LYS A 269 -13.15 5.46 -11.65
CA LYS A 269 -13.22 6.90 -11.51
C LYS A 269 -12.33 7.29 -10.30
N GLY A 270 -11.58 8.36 -10.50
CA GLY A 270 -10.76 8.86 -9.41
C GLY A 270 -9.39 8.40 -9.25
N ILE A 271 -8.96 7.34 -9.93
CA ILE A 271 -7.65 6.83 -9.80
C ILE A 271 -7.08 6.50 -11.21
N LEU A 272 -5.79 6.71 -11.28
CA LEU A 272 -5.00 6.36 -12.52
C LEU A 272 -3.77 5.67 -12.12
N ALA A 273 -3.37 4.64 -12.90
CA ALA A 273 -2.05 4.07 -12.78
C ALA A 273 -0.95 5.02 -13.32
N TYR A 274 0.26 4.78 -12.88
CA TYR A 274 1.33 5.66 -13.33
C TYR A 274 1.46 5.54 -14.81
N TYR A 275 1.33 4.36 -15.47
CA TYR A 275 1.40 4.30 -16.87
C TYR A 275 0.37 5.12 -17.59
N GLU A 276 -0.85 5.20 -17.01
CA GLU A 276 -1.86 6.09 -17.51
C GLU A 276 -1.51 7.54 -17.31
N ILE A 277 -0.91 7.87 -16.19
CA ILE A 277 -0.51 9.25 -15.93
C ILE A 277 0.57 9.68 -16.94
N CYS A 278 1.52 8.76 -17.16
CA CYS A 278 2.55 9.16 -18.18
C CYS A 278 1.91 9.49 -19.47
N ASP A 279 0.86 8.75 -19.95
CA ASP A 279 0.20 9.10 -21.10
C ASP A 279 -0.57 10.45 -21.01
N PHE A 280 -1.24 10.65 -19.88
CA PHE A 280 -1.99 11.87 -19.59
C PHE A 280 -1.09 13.07 -19.68
N LEU A 281 0.17 12.95 -19.29
CA LEU A 281 0.97 14.15 -19.31
C LEU A 281 1.24 14.71 -20.70
N HIS A 282 1.01 13.96 -21.75
CA HIS A 282 1.15 14.53 -23.08
C HIS A 282 0.05 15.55 -23.23
N GLY A 283 0.39 16.85 -23.43
CA GLY A 283 -0.60 17.94 -23.59
C GLY A 283 -1.07 18.50 -22.28
N ALA A 284 -0.50 18.01 -21.17
CA ALA A 284 -0.89 18.53 -19.85
C ALA A 284 0.00 19.65 -19.35
N THR A 285 -0.47 20.46 -18.49
CA THR A 285 0.31 21.42 -17.75
C THR A 285 0.78 20.82 -16.46
N THR A 286 2.10 20.80 -16.19
CA THR A 286 2.60 20.24 -14.99
C THR A 286 3.06 21.24 -13.94
N HIS A 287 2.86 20.94 -12.70
CA HIS A 287 3.17 21.74 -11.59
C HIS A 287 3.70 20.99 -10.43
N ARG A 288 4.40 21.63 -9.54
CA ARG A 288 4.77 20.93 -8.30
C ARG A 288 4.27 21.74 -7.19
N PHE A 289 3.81 21.11 -6.18
CA PHE A 289 3.64 21.73 -4.86
C PHE A 289 5.09 21.82 -4.19
N ARG A 290 5.57 23.03 -4.03
CA ARG A 290 6.88 23.29 -3.53
C ARG A 290 7.06 22.85 -2.11
N ASP A 291 6.17 23.18 -1.22
CA ASP A 291 6.34 22.72 0.15
C ASP A 291 5.99 21.28 0.36
N GLN A 292 4.92 20.86 -0.29
CA GLN A 292 4.46 19.46 -0.19
C GLN A 292 5.45 18.45 -0.87
N GLN A 293 6.19 18.91 -1.87
CA GLN A 293 7.19 18.16 -2.60
C GLN A 293 6.66 17.04 -3.42
N VAL A 294 5.51 17.32 -4.06
CA VAL A 294 4.87 16.26 -4.96
C VAL A 294 4.21 17.05 -6.12
N PRO A 295 4.04 16.41 -7.28
CA PRO A 295 3.52 17.07 -8.45
C PRO A 295 2.02 16.84 -8.68
N TYR A 296 1.49 17.71 -9.52
CA TYR A 296 0.15 17.50 -10.13
C TYR A 296 0.19 17.95 -11.53
N ALA A 297 -0.85 17.57 -12.28
CA ALA A 297 -0.97 17.91 -13.66
C ALA A 297 -2.40 18.12 -14.10
N THR A 298 -2.68 18.89 -15.15
CA THR A 298 -4.01 19.21 -15.53
C THR A 298 -4.12 19.37 -17.04
N LYS A 299 -5.23 18.97 -17.62
CA LYS A 299 -5.49 19.09 -19.15
C LYS A 299 -7.04 19.22 -19.08
N GLY A 300 -7.58 20.00 -19.95
CA GLY A 300 -9.04 20.11 -20.05
C GLY A 300 -9.84 20.39 -18.73
N ASN A 301 -10.75 19.50 -18.36
CA ASN A 301 -11.34 19.64 -16.97
C ASN A 301 -10.85 18.62 -16.01
N GLN A 302 -9.71 17.95 -16.29
CA GLN A 302 -9.16 16.89 -15.46
C GLN A 302 -7.89 17.32 -14.69
N TRP A 303 -7.76 16.94 -13.43
CA TRP A 303 -6.68 17.42 -12.57
C TRP A 303 -6.24 16.18 -11.86
N VAL A 304 -4.94 15.89 -11.84
CA VAL A 304 -4.37 14.69 -11.31
C VAL A 304 -3.22 14.99 -10.30
N ALA A 305 -3.34 14.47 -9.12
CA ALA A 305 -2.22 14.45 -8.12
C ALA A 305 -1.53 13.13 -8.29
N TYR A 306 -0.22 13.15 -8.39
CA TYR A 306 0.54 11.93 -8.61
C TYR A 306 1.90 11.97 -8.02
N ASP A 307 2.63 10.89 -8.13
CA ASP A 307 4.01 10.77 -7.76
C ASP A 307 4.84 10.42 -9.00
N ASP A 308 6.01 10.98 -9.11
CA ASP A 308 6.95 10.77 -10.20
C ASP A 308 8.28 10.33 -9.67
N GLN A 309 9.25 10.11 -10.57
CA GLN A 309 10.57 9.61 -10.08
C GLN A 309 11.13 10.55 -9.08
N GLU A 310 11.03 11.83 -9.29
CA GLU A 310 11.63 12.73 -8.36
C GLU A 310 10.96 12.66 -6.99
N SER A 311 9.63 12.66 -6.98
CA SER A 311 8.94 12.62 -5.68
C SER A 311 9.14 11.35 -4.91
N VAL A 312 9.19 10.23 -5.58
CA VAL A 312 9.44 9.02 -4.81
C VAL A 312 10.87 8.90 -4.33
N LYS A 313 11.79 9.41 -5.11
CA LYS A 313 13.19 9.49 -4.64
C LYS A 313 13.30 10.38 -3.43
N ASN A 314 12.57 11.53 -3.42
CA ASN A 314 12.64 12.38 -2.29
C ASN A 314 12.01 11.74 -1.05
N LYS A 315 10.97 10.99 -1.17
CA LYS A 315 10.37 10.23 -0.10
C LYS A 315 11.29 9.13 0.41
N ALA A 316 12.03 8.44 -0.52
CA ALA A 316 12.99 7.46 -0.08
C ALA A 316 14.12 8.09 0.67
N ARG A 317 14.58 9.30 0.29
CA ARG A 317 15.60 9.92 1.03
C ARG A 317 15.14 10.29 2.48
N TYR A 318 13.90 10.76 2.51
CA TYR A 318 13.30 11.02 3.85
C TYR A 318 13.24 9.89 4.78
N LEU A 319 12.85 8.75 4.22
CA LEU A 319 12.61 7.65 5.18
C LEU A 319 14.00 7.16 5.58
N LYS A 320 15.00 7.17 4.72
CA LYS A 320 16.41 6.79 5.10
C LYS A 320 16.88 7.75 6.21
N ASN A 321 16.69 9.03 5.93
CA ASN A 321 17.11 10.03 6.97
C ASN A 321 16.52 9.81 8.34
N ARG A 322 15.26 9.38 8.31
CA ARG A 322 14.60 9.02 9.55
C ARG A 322 14.87 7.62 10.05
N GLN A 323 15.77 6.91 9.40
CA GLN A 323 16.17 5.59 9.86
C GLN A 323 14.99 4.65 9.92
N LEU A 324 14.06 4.75 8.97
CA LEU A 324 12.98 3.82 8.93
C LEU A 324 13.40 2.51 8.30
N ALA A 325 12.53 1.52 8.43
CA ALA A 325 12.85 0.23 7.94
C ALA A 325 12.85 0.08 6.45
N GLY A 326 12.18 0.96 5.79
CA GLY A 326 12.18 0.85 4.29
C GLY A 326 10.98 1.48 3.81
N ALA A 327 10.65 1.16 2.54
CA ALA A 327 9.53 1.65 1.76
C ALA A 327 8.47 0.61 1.45
N MET A 328 7.23 0.96 1.31
CA MET A 328 6.22 0.01 0.76
C MET A 328 5.74 0.70 -0.50
N VAL A 329 5.36 -0.09 -1.48
CA VAL A 329 4.82 0.39 -2.77
C VAL A 329 3.47 -0.13 -2.98
N TRP A 330 2.49 0.67 -3.19
CA TRP A 330 1.16 0.28 -3.64
C TRP A 330 0.97 0.89 -5.03
N ALA A 331 1.09 0.16 -6.14
CA ALA A 331 1.21 -1.28 -6.22
C ALA A 331 2.09 -1.54 -7.44
N LEU A 332 2.64 -2.77 -7.55
CA LEU A 332 3.45 -3.08 -8.72
C LEU A 332 2.67 -2.96 -9.99
N ASP A 333 1.38 -3.41 -10.00
CA ASP A 333 0.63 -3.44 -11.23
C ASP A 333 0.12 -1.99 -11.64
N LEU A 334 0.39 -0.98 -10.80
CA LEU A 334 0.06 0.41 -11.07
C LEU A 334 1.31 1.18 -11.47
N ASP A 335 2.54 0.68 -11.26
CA ASP A 335 3.70 1.27 -11.84
C ASP A 335 3.70 0.98 -13.36
N ASP A 336 4.61 1.58 -14.10
CA ASP A 336 4.75 1.22 -15.55
C ASP A 336 5.51 -0.10 -15.67
N PHE A 337 4.84 -1.18 -15.34
CA PHE A 337 5.50 -2.51 -15.24
C PHE A 337 5.83 -3.02 -16.62
N ARG A 338 5.23 -2.53 -17.71
CA ARG A 338 5.72 -2.90 -19.04
C ARG A 338 6.94 -2.10 -19.48
N GLY A 339 7.08 -0.90 -18.96
CA GLY A 339 8.13 -0.01 -19.26
C GLY A 339 8.08 0.79 -20.55
N THR A 340 6.87 0.79 -21.14
CA THR A 340 6.66 1.32 -22.46
C THR A 340 5.87 2.57 -22.53
N PHE A 341 5.32 3.04 -21.37
CA PHE A 341 4.47 4.20 -21.43
C PHE A 341 5.12 5.53 -21.07
N CYS A 342 6.24 5.52 -20.37
CA CYS A 342 6.77 6.71 -19.82
C CYS A 342 8.07 7.22 -20.50
N GLY A 343 8.28 6.84 -21.73
CA GLY A 343 9.30 7.32 -22.52
C GLY A 343 10.72 7.01 -22.13
N GLN A 344 10.88 6.03 -21.33
CA GLN A 344 12.22 5.65 -20.78
C GLN A 344 12.66 4.29 -21.09
N ASN A 345 11.83 3.50 -21.77
CA ASN A 345 12.08 2.13 -21.91
C ASN A 345 12.64 1.40 -20.66
N LEU A 346 11.92 1.54 -19.55
CA LEU A 346 12.38 1.10 -18.21
C LEU A 346 11.19 0.49 -17.48
N ALA A 347 11.13 -0.76 -17.22
CA ALA A 347 10.10 -1.39 -16.42
C ALA A 347 10.19 -0.91 -14.99
N PHE A 348 9.03 -0.66 -14.38
CA PHE A 348 8.98 -0.30 -12.99
C PHE A 348 9.72 0.96 -12.67
N PRO A 349 9.49 2.05 -13.37
CA PRO A 349 10.29 3.24 -13.13
C PRO A 349 10.15 3.75 -11.71
N LEU A 350 8.97 3.79 -11.14
CA LEU A 350 8.93 4.39 -9.82
C LEU A 350 9.54 3.48 -8.74
N THR A 351 9.27 2.17 -8.86
CA THR A 351 9.81 1.23 -7.90
C THR A 351 11.30 1.17 -7.99
N ASN A 352 11.83 1.17 -9.20
CA ASN A 352 13.30 1.17 -9.42
C ASN A 352 13.88 2.49 -8.82
N ALA A 353 13.19 3.63 -9.02
CA ALA A 353 13.71 4.87 -8.44
C ALA A 353 13.87 4.82 -6.97
N ILE A 354 12.85 4.28 -6.31
CA ILE A 354 12.93 4.08 -4.89
C ILE A 354 14.10 3.15 -4.48
N LYS A 355 14.14 2.03 -5.17
CA LYS A 355 15.22 1.04 -4.86
C LYS A 355 16.53 1.72 -5.06
N ASP A 356 16.80 2.51 -6.07
CA ASP A 356 18.12 3.17 -6.45
C ASP A 356 18.48 3.95 -5.14
N VAL A 357 17.58 4.73 -4.53
CA VAL A 357 17.88 5.57 -3.37
C VAL A 357 18.10 4.70 -2.16
N LEU A 358 17.33 3.65 -1.94
CA LEU A 358 17.56 2.81 -0.76
C LEU A 358 18.88 2.15 -0.84
N ALA A 359 19.39 1.83 -2.02
CA ALA A 359 20.76 1.25 -2.31
C ALA A 359 21.84 2.26 -2.50
N GLY A 360 21.62 3.52 -2.17
CA GLY A 360 22.67 4.51 -1.87
C GLY A 360 23.06 4.84 -0.32
N VAL A 361 24.01 5.77 -0.17
CA VAL A 361 24.24 6.62 1.05
C VAL A 361 23.54 7.98 0.77
C1 NAG B . -15.51 -14.68 1.11
C2 NAG B . -16.12 -15.05 -0.12
C3 NAG B . -17.65 -14.74 0.03
C4 NAG B . -18.02 -15.47 1.30
C5 NAG B . -17.32 -15.00 2.45
C6 NAG B . -17.52 -15.64 3.80
C7 NAG B . -15.13 -14.56 -2.23
C8 NAG B . -14.63 -13.59 -3.28
N2 NAG B . -15.71 -14.08 -1.12
O3 NAG B . -18.33 -15.21 -1.10
O4 NAG B . -19.46 -15.05 1.55
O5 NAG B . -15.91 -15.41 2.12
O6 NAG B . -17.77 -16.97 3.62
O7 NAG B . -14.80 -15.74 -2.34
C1 NAG B . -20.28 -16.19 1.62
C2 NAG B . -21.62 -15.63 2.22
C3 NAG B . -22.53 -16.77 2.33
C4 NAG B . -22.79 -17.17 0.88
C5 NAG B . -21.56 -17.77 0.20
C6 NAG B . -21.96 -18.06 -1.27
C7 NAG B . -21.34 -13.88 3.86
C8 NAG B . -21.21 -13.60 5.34
N2 NAG B . -21.54 -15.14 3.54
O3 NAG B . -23.85 -16.44 2.94
O4 NAG B . -23.83 -18.08 1.01
O5 NAG B . -20.52 -16.80 0.32
O6 NAG B . -22.15 -16.75 -1.91
O7 NAG B . -21.24 -13.01 2.98
C1 MPD C . -9.09 0.63 -7.96
C2 MPD C . -7.75 0.16 -8.70
O2 MPD C . -8.10 -1.28 -8.87
CM MPD C . -7.78 0.63 -10.16
C3 MPD C . -6.51 0.13 -8.11
C4 MPD C . -6.42 -0.33 -6.61
O4 MPD C . -5.19 -0.87 -6.31
C5 MPD C . -6.55 0.83 -5.61
C ACN D . -4.19 -0.31 0.48
O ACN D . -3.56 0.66 -0.12
C1 ACN D . -3.67 -1.37 1.40
C2 ACN D . -5.58 -0.54 0.34
#